data_4LMC
#
_entry.id   4LMC
#
_cell.length_a   81.897
_cell.length_b   81.897
_cell.length_c   42.889
_cell.angle_alpha   90.00
_cell.angle_beta   90.00
_cell.angle_gamma   120.00
#
_symmetry.space_group_name_H-M   'P 65'
#
loop_
_entity.id
_entity.type
_entity.pdbx_description
1 polymer Nucleoprotein
2 non-polymer "CYTIDINE-5'-MONOPHOSPHATE"
3 water water
#
_entity_poly.entity_id   1
_entity_poly.type   'polypeptide(L)'
_entity_poly.pdbx_seq_one_letter_code
;EFNVVPYYSWFSGITQFQKGKEFEFVEGQGVPIAPGVPATEAKGYWYRHNRRSFKTADGNQRQLLPRWYFYYLGTGPHAK
DQYGTDIDGVYWVASNQADVNTPADIVDRDPSSDEAIPTRFPPGTVLPQGYYIEG
;
_entity_poly.pdbx_strand_id   A
#
loop_
_chem_comp.id
_chem_comp.type
_chem_comp.name
_chem_comp.formula
C5P non-polymer CYTIDINE-5'-MONOPHOSPHATE 'C9 H14 N3 O8 P'
#
# COMPACT_ATOMS: atom_id res chain seq x y z
N GLU A 1 16.22 2.29 1.37
CA GLU A 1 15.97 1.52 2.58
C GLU A 1 15.36 2.39 3.69
N PHE A 2 15.27 1.81 4.89
CA PHE A 2 14.73 2.50 6.04
C PHE A 2 15.80 2.57 7.14
N ASN A 3 16.04 3.77 7.66
CA ASN A 3 16.96 3.99 8.77
C ASN A 3 16.24 3.96 10.15
N VAL A 4 14.91 3.96 10.10
CA VAL A 4 14.06 3.67 11.26
C VAL A 4 13.23 2.47 10.82
N VAL A 5 13.22 1.40 11.61
CA VAL A 5 12.52 0.23 11.20
C VAL A 5 11.05 0.57 10.93
N PRO A 6 10.59 0.19 9.75
CA PRO A 6 9.21 0.43 9.35
C PRO A 6 8.21 -0.56 9.94
N TYR A 7 6.91 -0.25 9.87
CA TYR A 7 5.89 -1.25 10.02
C TYR A 7 5.94 -2.06 8.74
N TYR A 8 5.86 -3.37 8.85
CA TYR A 8 6.03 -4.24 7.68
C TYR A 8 4.68 -4.48 7.04
N SER A 9 4.69 -4.29 5.74
CA SER A 9 3.50 -4.49 4.89
C SER A 9 3.42 -5.96 4.58
N TRP A 10 2.21 -6.52 4.50
CA TRP A 10 2.03 -7.92 4.04
C TRP A 10 2.43 -8.13 2.60
N PHE A 11 2.59 -7.04 1.85
CA PHE A 11 2.67 -7.05 0.40
C PHE A 11 3.85 -6.31 -0.16
N SER A 12 4.21 -6.68 -1.38
CA SER A 12 5.24 -5.93 -2.08
C SER A 12 4.75 -4.51 -2.44
N GLY A 13 5.69 -3.64 -2.71
CA GLY A 13 5.41 -2.25 -2.96
C GLY A 13 5.04 -1.99 -4.39
N ILE A 14 4.52 -0.77 -4.62
CA ILE A 14 4.22 -0.29 -5.93
C ILE A 14 5.04 0.97 -6.13
N THR A 15 5.94 0.90 -7.12
CA THR A 15 6.93 1.94 -7.33
C THR A 15 6.56 2.92 -8.48
N GLN A 16 6.61 4.22 -8.20
CA GLN A 16 6.44 5.20 -9.26
C GLN A 16 7.64 5.14 -10.20
N PHE A 17 7.37 5.11 -11.51
CA PHE A 17 8.46 5.25 -12.48
C PHE A 17 8.25 6.40 -13.46
N GLN A 18 7.03 6.92 -13.59
CA GLN A 18 6.83 8.18 -14.34
C GLN A 18 6.36 9.37 -13.52
N LYS A 19 7.11 10.46 -13.61
CA LYS A 19 6.75 11.70 -12.94
C LYS A 19 5.35 12.16 -13.29
N GLY A 20 4.71 12.80 -12.33
CA GLY A 20 3.48 13.51 -12.55
C GLY A 20 2.29 12.58 -12.56
N LYS A 21 2.53 11.29 -12.69
CA LYS A 21 1.41 10.34 -12.68
C LYS A 21 0.91 10.09 -11.25
N GLU A 22 -0.41 10.18 -11.08
CA GLU A 22 -1.05 10.09 -9.76
C GLU A 22 -1.29 8.64 -9.35
N PHE A 23 -1.03 8.33 -8.08
CA PHE A 23 -1.35 7.03 -7.52
C PHE A 23 -2.82 6.99 -7.15
N GLU A 24 -3.57 6.11 -7.81
CA GLU A 24 -5.00 6.06 -7.60
C GLU A 24 -5.56 4.67 -7.96
N PHE A 25 -6.72 4.40 -7.41
CA PHE A 25 -7.53 3.24 -7.80
C PHE A 25 -8.98 3.66 -7.92
N VAL A 26 -9.76 2.88 -8.65
CA VAL A 26 -11.20 3.07 -8.70
C VAL A 26 -11.77 2.68 -7.34
N GLU A 27 -12.75 3.41 -6.85
CA GLU A 27 -13.41 3.04 -5.58
C GLU A 27 -13.91 1.60 -5.64
N GLY A 28 -13.57 0.83 -4.62
CA GLY A 28 -13.92 -0.59 -4.55
C GLY A 28 -12.78 -1.49 -4.94
N GLN A 29 -11.73 -0.88 -5.50
CA GLN A 29 -10.55 -1.59 -5.96
C GLN A 29 -9.32 -1.14 -5.18
N GLY A 30 -8.23 -1.88 -5.37
CA GLY A 30 -6.92 -1.50 -4.91
C GLY A 30 -6.45 -2.22 -3.68
N VAL A 31 -7.21 -3.20 -3.18
CA VAL A 31 -6.74 -4.06 -2.08
C VAL A 31 -6.07 -5.31 -2.66
N PRO A 32 -4.77 -5.51 -2.34
CA PRO A 32 -4.04 -6.62 -2.93
C PRO A 32 -4.60 -7.93 -2.40
N ILE A 33 -4.44 -8.99 -3.19
CA ILE A 33 -5.01 -10.28 -2.87
C ILE A 33 -4.13 -11.10 -1.91
N ALA A 34 -4.76 -11.56 -0.84
CA ALA A 34 -4.12 -12.49 0.08
C ALA A 34 -5.02 -13.70 0.20
N PRO A 35 -4.44 -14.89 0.04
CA PRO A 35 -5.24 -16.11 0.14
C PRO A 35 -6.07 -16.16 1.43
N GLY A 36 -7.36 -16.41 1.27
CA GLY A 36 -8.21 -16.70 2.41
C GLY A 36 -8.73 -15.49 3.17
N VAL A 37 -8.34 -14.29 2.76
CA VAL A 37 -8.80 -13.10 3.46
C VAL A 37 -10.19 -12.81 2.96
N PRO A 38 -11.16 -12.68 3.88
CA PRO A 38 -12.51 -12.42 3.36
C PRO A 38 -12.63 -11.00 2.85
N ALA A 39 -13.51 -10.80 1.90
CA ALA A 39 -13.70 -9.47 1.31
C ALA A 39 -14.13 -8.41 2.33
N THR A 40 -14.79 -8.82 3.40
CA THR A 40 -15.22 -7.90 4.44
C THR A 40 -14.01 -7.29 5.17
N GLU A 41 -12.88 -7.97 5.10
CA GLU A 41 -11.66 -7.48 5.72
C GLU A 41 -10.76 -6.72 4.72
N ALA A 42 -11.18 -6.64 3.46
CA ALA A 42 -10.34 -6.01 2.44
C ALA A 42 -10.50 -4.48 2.48
N LYS A 43 -9.77 -3.84 3.40
CA LYS A 43 -9.87 -2.41 3.63
C LYS A 43 -8.57 -1.91 4.25
N GLY A 44 -8.12 -0.74 3.84
CA GLY A 44 -6.83 -0.26 4.28
C GLY A 44 -6.38 0.92 3.49
N TYR A 45 -5.06 1.05 3.39
CA TYR A 45 -4.51 2.19 2.69
C TYR A 45 -3.14 1.85 2.15
N TRP A 46 -2.79 2.53 1.07
CA TRP A 46 -1.41 2.56 0.57
C TRP A 46 -0.74 3.76 1.21
N TYR A 47 0.52 3.55 1.61
CA TYR A 47 1.35 4.53 2.28
C TYR A 47 2.58 4.85 1.43
N ARG A 48 2.80 6.13 1.16
CA ARG A 48 3.90 6.57 0.32
C ARG A 48 5.22 6.63 1.12
N HIS A 49 6.21 5.89 0.64
CA HIS A 49 7.57 6.04 1.10
C HIS A 49 8.34 6.92 0.12
N ASN A 50 8.69 8.13 0.58
CA ASN A 50 9.49 9.05 -0.18
C ASN A 50 10.92 8.64 0.05
N ARG A 51 11.71 8.60 -1.02
CA ARG A 51 12.94 7.78 -1.00
C ARG A 51 14.35 8.44 -0.89
N ARG A 52 14.58 9.59 -1.51
CA ARG A 52 15.92 10.30 -1.45
C ARG A 52 17.20 9.51 -1.85
N SER A 53 17.91 10.06 -2.84
CA SER A 53 19.20 9.53 -3.29
C SER A 53 20.31 10.50 -2.84
N PHE A 54 21.56 10.05 -2.86
CA PHE A 54 22.66 10.95 -2.50
C PHE A 54 23.18 11.66 -3.73
N LYS A 55 23.85 12.77 -3.47
CA LYS A 55 24.43 13.58 -4.50
C LYS A 55 25.70 12.93 -5.03
N THR A 56 25.81 12.94 -6.34
CA THR A 56 26.99 12.44 -7.02
C THR A 56 27.59 13.58 -7.84
N ALA A 57 28.59 13.24 -8.68
CA ALA A 57 28.97 14.06 -9.86
C ALA A 57 28.48 13.41 -11.18
N ASP A 58 27.38 12.68 -11.13
CA ASP A 58 26.74 12.18 -12.34
C ASP A 58 25.60 13.13 -12.75
N GLY A 59 24.36 12.77 -12.42
CA GLY A 59 23.22 13.58 -12.83
C GLY A 59 22.28 13.94 -11.70
N GLN A 63 15.12 12.40 -7.56
CA GLN A 63 15.42 11.48 -8.65
C GLN A 63 14.92 10.06 -8.39
N LEU A 64 14.98 9.60 -7.14
CA LEU A 64 14.42 8.30 -6.79
C LEU A 64 12.96 8.55 -6.40
N LEU A 65 12.04 7.93 -7.13
CA LEU A 65 10.62 8.23 -6.97
C LEU A 65 9.97 7.37 -5.87
N PRO A 66 8.79 7.81 -5.39
CA PRO A 66 8.23 7.13 -4.23
C PRO A 66 7.79 5.70 -4.55
N ARG A 67 7.75 4.91 -3.48
CA ARG A 67 7.21 3.57 -3.48
C ARG A 67 6.13 3.45 -2.43
N TRP A 68 4.99 2.87 -2.84
CA TRP A 68 3.89 2.75 -1.92
C TRP A 68 3.72 1.32 -1.39
N TYR A 69 3.30 1.23 -0.13
CA TYR A 69 3.08 -0.01 0.59
C TYR A 69 1.68 -0.06 1.22
N PHE A 70 1.08 -1.23 1.18
CA PHE A 70 -0.26 -1.43 1.72
C PHE A 70 -0.30 -1.87 3.16
N TYR A 71 -1.21 -1.26 3.90
CA TYR A 71 -1.53 -1.59 5.27
C TYR A 71 -3.02 -1.77 5.46
N TYR A 72 -3.37 -2.89 6.07
CA TYR A 72 -4.77 -3.10 6.49
C TYR A 72 -5.23 -1.99 7.48
N LEU A 73 -6.51 -1.60 7.37
CA LEU A 73 -7.06 -0.58 8.22
C LEU A 73 -6.82 -0.91 9.69
N GLY A 74 -6.29 0.06 10.41
CA GLY A 74 -6.00 -0.10 11.83
C GLY A 74 -4.59 -0.61 12.11
N THR A 75 -3.78 -0.71 11.06
CA THR A 75 -2.42 -1.15 11.19
C THR A 75 -1.49 -0.15 10.49
N GLY A 76 -0.21 -0.31 10.78
CA GLY A 76 0.82 0.44 10.08
C GLY A 76 1.00 1.82 10.64
N PRO A 77 1.66 2.69 9.86
CA PRO A 77 2.04 4.01 10.36
C PRO A 77 0.86 4.98 10.50
N HIS A 78 -0.28 4.67 9.89
CA HIS A 78 -1.51 5.45 10.02
C HIS A 78 -2.66 4.59 10.58
N ALA A 79 -2.30 3.74 11.53
CA ALA A 79 -3.21 2.82 12.18
C ALA A 79 -4.37 3.52 12.89
N LYS A 80 -4.16 4.75 13.34
CA LYS A 80 -5.21 5.41 14.11
C LYS A 80 -6.01 6.42 13.29
N ASP A 81 -5.70 6.59 12.00
CA ASP A 81 -6.40 7.57 11.21
C ASP A 81 -7.70 6.98 10.62
N GLN A 82 -8.67 7.85 10.42
CA GLN A 82 -9.96 7.41 9.91
C GLN A 82 -9.93 7.19 8.42
N TYR A 83 -10.53 6.07 8.00
CA TYR A 83 -10.70 5.79 6.59
C TYR A 83 -11.28 6.97 5.81
N GLY A 84 -10.62 7.30 4.72
CA GLY A 84 -11.06 8.24 3.70
C GLY A 84 -10.62 9.67 3.96
N THR A 85 -9.99 9.88 5.10
CA THR A 85 -9.54 11.21 5.52
C THR A 85 -8.39 11.68 4.67
N ASP A 86 -8.44 12.93 4.29
CA ASP A 86 -7.40 13.50 3.46
C ASP A 86 -6.12 13.59 4.29
N ILE A 87 -5.14 12.74 3.95
CA ILE A 87 -3.81 12.76 4.60
C ILE A 87 -2.76 12.65 3.50
N ASP A 88 -1.72 13.48 3.57
CA ASP A 88 -0.73 13.49 2.52
C ASP A 88 0.03 12.19 2.58
N GLY A 89 0.07 11.46 1.48
CA GLY A 89 0.83 10.23 1.40
C GLY A 89 0.05 8.99 1.78
N VAL A 90 -1.28 9.13 1.92
CA VAL A 90 -2.14 8.03 2.33
C VAL A 90 -3.20 7.91 1.26
N TYR A 91 -3.32 6.73 0.66
CA TYR A 91 -4.39 6.53 -0.30
C TYR A 91 -5.28 5.37 0.18
N TRP A 92 -6.52 5.69 0.57
CA TRP A 92 -7.42 4.70 1.14
C TRP A 92 -8.14 3.88 0.04
N VAL A 93 -8.27 2.58 0.29
CA VAL A 93 -8.88 1.61 -0.61
C VAL A 93 -9.66 0.59 0.21
N ALA A 94 -10.74 0.06 -0.37
CA ALA A 94 -11.54 -0.94 0.32
C ALA A 94 -12.50 -1.62 -0.68
N SER A 95 -12.67 -2.92 -0.51
CA SER A 95 -13.76 -3.66 -1.15
C SER A 95 -15.10 -3.04 -0.82
N ASN A 96 -16.04 -3.12 -1.74
CA ASN A 96 -17.40 -2.70 -1.45
C ASN A 96 -18.05 -3.55 -0.35
N GLN A 97 -17.41 -4.65 0.03
CA GLN A 97 -17.96 -5.49 1.07
C GLN A 97 -17.49 -5.08 2.45
N ALA A 98 -16.54 -4.16 2.52
CA ALA A 98 -15.95 -3.85 3.79
C ALA A 98 -16.63 -2.67 4.51
N ASP A 99 -16.74 -2.82 5.83
CA ASP A 99 -17.17 -1.76 6.72
C ASP A 99 -15.96 -1.04 7.27
N VAL A 100 -15.80 0.18 6.84
CA VAL A 100 -14.55 0.87 7.10
C VAL A 100 -14.55 1.59 8.44
N ASN A 101 -15.62 1.41 9.21
CA ASN A 101 -15.68 1.90 10.59
C ASN A 101 -14.88 1.03 11.54
N THR A 102 -14.58 -0.19 11.14
CA THR A 102 -13.96 -1.14 12.03
C THR A 102 -12.61 -1.55 11.49
N PRO A 103 -11.60 -1.65 12.37
CA PRO A 103 -10.31 -2.14 11.86
C PRO A 103 -10.40 -3.54 11.29
N ALA A 104 -9.51 -3.83 10.36
CA ALA A 104 -9.42 -5.15 9.82
C ALA A 104 -8.85 -6.02 10.94
N ASP A 105 -9.35 -7.22 11.09
CA ASP A 105 -8.86 -8.07 12.16
C ASP A 105 -7.76 -8.94 11.55
N ILE A 106 -6.58 -8.35 11.42
CA ILE A 106 -5.52 -8.92 10.60
C ILE A 106 -4.17 -8.67 11.24
N VAL A 107 -3.59 -9.73 11.79
CA VAL A 107 -2.29 -9.64 12.45
C VAL A 107 -1.28 -9.05 11.49
N ASP A 108 -0.36 -8.26 12.02
CA ASP A 108 0.76 -7.74 11.23
C ASP A 108 1.75 -8.84 10.88
N ARG A 109 2.64 -8.55 9.92
CA ARG A 109 3.57 -9.55 9.40
C ARG A 109 4.93 -9.46 10.07
N ASP A 110 5.54 -10.61 10.30
CA ASP A 110 6.97 -10.78 10.64
C ASP A 110 7.06 -11.45 12.00
N PRO A 111 8.21 -12.05 12.33
CA PRO A 111 9.58 -12.08 11.77
C PRO A 111 9.69 -12.58 10.32
N SER A 112 10.87 -13.09 10.00
CA SER A 112 10.98 -14.08 8.96
C SER A 112 10.18 -15.26 9.51
N SER A 113 8.91 -15.01 9.81
CA SER A 113 7.91 -16.05 9.96
C SER A 113 7.14 -16.10 8.65
N ASP A 114 7.10 -14.96 7.95
CA ASP A 114 6.39 -14.82 6.67
C ASP A 114 7.00 -13.73 5.77
N GLU A 115 7.25 -14.05 4.50
CA GLU A 115 7.78 -13.06 3.55
C GLU A 115 6.63 -12.25 2.93
N ALA A 116 6.95 -11.14 2.26
CA ALA A 116 5.90 -10.33 1.60
C ALA A 116 5.26 -11.07 0.47
N ILE A 117 3.94 -11.01 0.44
CA ILE A 117 3.13 -11.53 -0.65
C ILE A 117 3.25 -10.59 -1.84
N PRO A 118 3.64 -11.13 -3.01
CA PRO A 118 3.68 -10.32 -4.22
C PRO A 118 2.31 -9.69 -4.50
N THR A 119 2.31 -8.39 -4.72
CA THR A 119 1.09 -7.67 -4.97
C THR A 119 0.44 -8.03 -6.32
N ARG A 120 -0.84 -8.38 -6.24
CA ARG A 120 -1.66 -8.72 -7.40
C ARG A 120 -3.06 -8.27 -7.07
N PHE A 121 -3.79 -7.92 -8.12
CA PHE A 121 -5.15 -7.47 -8.02
C PHE A 121 -6.11 -8.32 -8.86
N PRO A 122 -7.37 -8.33 -8.49
CA PRO A 122 -8.31 -9.19 -9.24
C PRO A 122 -8.59 -8.69 -10.67
N PRO A 123 -8.98 -9.60 -11.56
CA PRO A 123 -9.41 -9.18 -12.90
C PRO A 123 -10.38 -8.10 -12.85
N GLY A 124 -10.20 -7.13 -13.77
CA GLY A 124 -11.02 -5.95 -13.80
C GLY A 124 -10.40 -4.73 -13.11
N THR A 125 -9.33 -4.93 -12.35
CA THR A 125 -8.71 -3.79 -11.65
C THR A 125 -8.02 -2.83 -12.60
N VAL A 126 -8.40 -1.57 -12.48
CA VAL A 126 -7.79 -0.49 -13.23
C VAL A 126 -6.45 -0.15 -12.60
N LEU A 127 -5.37 -0.43 -13.30
CA LEU A 127 -4.02 -0.26 -12.76
C LEU A 127 -3.54 1.13 -12.98
N PRO A 128 -2.89 1.71 -11.97
CA PRO A 128 -2.48 3.10 -12.09
C PRO A 128 -1.31 3.23 -13.05
N GLN A 129 -1.51 3.97 -14.12
CA GLN A 129 -0.51 4.08 -15.13
C GLN A 129 0.71 4.88 -14.53
N GLY A 130 1.92 4.43 -14.83
CA GLY A 130 3.12 5.11 -14.37
C GLY A 130 3.74 4.50 -13.13
N TYR A 131 3.18 3.37 -12.71
CA TYR A 131 3.59 2.67 -11.52
C TYR A 131 3.89 1.23 -11.85
N TYR A 132 4.93 0.72 -11.22
CA TYR A 132 5.36 -0.64 -11.42
C TYR A 132 5.10 -1.41 -10.15
N ILE A 133 4.34 -2.49 -10.26
CA ILE A 133 4.11 -3.38 -9.13
C ILE A 133 5.30 -4.33 -8.89
N GLU A 134 5.91 -4.23 -7.72
CA GLU A 134 7.10 -5.05 -7.43
C GLU A 134 6.72 -6.51 -7.36
N GLY A 135 7.58 -7.35 -7.89
CA GLY A 135 7.29 -8.77 -7.96
C GLY A 135 6.82 -9.10 -9.37
O3P C5P B . 10.79 -1.85 -1.39
P C5P B . 10.76 -2.90 -2.54
O1P C5P B . 9.53 -2.69 -3.42
O2P C5P B . 12.13 -2.93 -3.14
O5' C5P B . 10.45 -4.32 -1.90
C5' C5P B . 9.25 -4.53 -1.18
C4' C5P B . 9.49 -5.34 0.08
O4' C5P B . 9.79 -4.44 1.20
C3' C5P B . 8.29 -6.14 0.53
O3' C5P B . 8.74 -7.25 1.31
C2' C5P B . 7.55 -5.11 1.40
O2' C5P B . 6.62 -5.60 2.33
C1' C5P B . 8.70 -4.42 2.07
N1 C5P B . 8.47 -3.28 2.93
C2 C5P B . 9.27 -2.00 2.71
N3 C5P B . 8.91 -0.74 3.64
C4 C5P B . 7.88 -0.85 4.62
C5 C5P B . 7.06 -2.21 4.83
C6 C5P B . 7.36 -3.43 3.97
O2 C5P B . 10.15 -1.92 1.85
N4 C5P B . 7.59 0.40 5.51
H5'1 C5P B . 8.85 -3.63 -0.93
H5'2 C5P B . 8.62 -5.02 -1.75
H4' C5P B . 10.26 -5.95 -0.06
H3' C5P B . 7.75 -6.44 -0.24
HO3' C5P B . 8.93 -7.97 0.74
H2'1 C5P B . 7.11 -4.51 0.82
HO2' C5P B . 5.79 -5.38 2.09
H1' C5P B . 9.01 -5.21 2.85
H5 C5P B . 6.30 -2.26 5.56
H6 C5P B . 6.83 -4.28 4.06
HN41 C5P B . 8.05 1.14 5.41
HN42 C5P B . 6.92 0.37 6.17
#